data_6SBP
#
_entry.id   6SBP
#
_cell.length_a   68.910
_cell.length_b   68.910
_cell.length_c   123.930
_cell.angle_alpha   90.000
_cell.angle_beta   90.000
_cell.angle_gamma   90.000
#
_symmetry.space_group_name_H-M   'P 41 21 2'
#
loop_
_entity.id
_entity.type
_entity.pdbx_description
1 polymer 'Plant cysteine oxidase 5'
2 non-polymer GLYCEROL
3 non-polymer 'NICKEL (II) ION'
4 water water
#
_entity_poly.entity_id   1
_entity_poly.type   'polypeptide(L)'
_entity_poly.pdbx_seq_one_letter_code
;MGSSHHHHHHSSGLVPRGSHMPYFIQRLFNTCKSSLSPNGPVSEEALDKVRNVLEKIKPSDVGLEQEAQLVRNWPGPGNE
RNGNHHSLPAIKYLQLHECDSFSIGIFCMPPGSIIPLHNHPGMTVLSKLVYGSMHVKSYDWAEPDQSELDDPLQARPAKL
VKDIDMTSPSPATTLYPTTGGNIHCFKAITHCAIFDILSPPYSSTHGRHCNYFRKSPMLDLPGEIEVMNGEVISNVTWLE
EYQPPDNFVIWRVPYRGPVIRK
;
_entity_poly.pdbx_strand_id   A
#
loop_
_chem_comp.id
_chem_comp.type
_chem_comp.name
_chem_comp.formula
GOL non-polymer GLYCEROL 'C3 H8 O3'
NI non-polymer 'NICKEL (II) ION' 'Ni 2'
#
# COMPACT_ATOMS: atom_id res chain seq x y z
N HIS A 9 -4.13 45.68 -19.04
CA HIS A 9 -4.49 44.25 -18.87
C HIS A 9 -3.69 43.61 -17.74
N HIS A 10 -2.44 44.03 -17.59
CA HIS A 10 -1.54 43.48 -16.58
C HIS A 10 -0.91 44.61 -15.77
N SER A 11 -0.59 44.31 -14.51
CA SER A 11 0.00 45.29 -13.60
C SER A 11 1.52 45.37 -13.70
N SER A 12 2.13 44.60 -14.59
CA SER A 12 3.58 44.58 -14.77
C SER A 12 4.29 44.11 -13.50
N GLY A 13 3.67 43.19 -12.78
CA GLY A 13 4.25 42.62 -11.58
C GLY A 13 3.88 43.29 -10.28
N LEU A 14 3.15 44.42 -10.34
CA LEU A 14 2.86 45.17 -9.12
C LEU A 14 1.84 44.45 -8.25
N VAL A 15 0.88 43.76 -8.87
CA VAL A 15 -0.20 43.12 -8.13
C VAL A 15 -0.19 41.63 -8.43
N PRO A 16 0.74 40.86 -7.88
CA PRO A 16 0.74 39.41 -8.11
C PRO A 16 -0.48 38.77 -7.46
N ARG A 17 -0.86 37.61 -8.00
CA ARG A 17 -2.04 36.91 -7.51
C ARG A 17 -1.84 36.45 -6.07
N GLY A 18 -0.89 35.54 -5.84
CA GLY A 18 -0.61 35.07 -4.50
C GLY A 18 -1.67 34.13 -3.97
N SER A 19 -1.37 33.47 -2.85
CA SER A 19 -2.23 32.44 -2.28
C SER A 19 -2.65 31.45 -3.37
N HIS A 20 -1.63 30.89 -4.02
CA HIS A 20 -1.83 29.96 -5.13
C HIS A 20 -2.17 28.56 -4.60
N MET A 21 -2.69 27.72 -5.49
CA MET A 21 -2.98 26.34 -5.15
C MET A 21 -1.72 25.67 -4.62
N PRO A 22 -1.74 25.13 -3.40
CA PRO A 22 -0.58 24.38 -2.92
C PRO A 22 -0.20 23.29 -3.91
N TYR A 23 1.09 23.08 -4.11
CA TYR A 23 1.49 22.05 -5.06
C TYR A 23 1.09 20.67 -4.54
N PHE A 24 1.06 19.71 -5.46
CA PHE A 24 0.42 18.43 -5.23
C PHE A 24 0.68 17.83 -3.85
N ILE A 25 1.96 17.64 -3.49
CA ILE A 25 2.25 16.87 -2.28
C ILE A 25 1.80 17.61 -1.04
N GLN A 26 1.82 18.95 -1.08
CA GLN A 26 1.31 19.75 0.02
C GLN A 26 -0.21 19.60 0.14
N ARG A 27 -0.91 19.75 -0.97
CA ARG A 27 -2.35 19.51 -0.98
C ARG A 27 -2.68 18.13 -0.42
N LEU A 28 -1.92 17.11 -0.83
CA LEU A 28 -2.19 15.76 -0.40
C LEU A 28 -1.97 15.59 1.10
N PHE A 29 -0.85 16.11 1.61
CA PHE A 29 -0.58 16.05 3.04
C PHE A 29 -1.67 16.77 3.83
N ASN A 30 -2.05 17.98 3.38
CA ASN A 30 -3.08 18.74 4.07
C ASN A 30 -4.37 17.92 4.19
N THR A 31 -4.76 17.23 3.12
CA THR A 31 -6.00 16.48 3.14
C THR A 31 -5.89 15.25 4.05
N CYS A 32 -4.73 14.59 4.04
CA CYS A 32 -4.53 13.47 4.96
C CYS A 32 -4.69 13.92 6.41
N LYS A 33 -4.12 15.07 6.75
CA LYS A 33 -4.19 15.56 8.13
C LYS A 33 -5.63 15.77 8.55
N SER A 34 -6.51 16.16 7.62
CA SER A 34 -7.90 16.40 7.92
C SER A 34 -8.78 15.17 7.76
N SER A 35 -8.39 14.23 6.90
CA SER A 35 -9.21 13.07 6.58
C SER A 35 -8.86 11.82 7.39
N LEU A 36 -7.71 11.80 8.06
CA LEU A 36 -7.20 10.59 8.69
C LEU A 36 -7.00 10.82 10.19
N SER A 37 -7.04 9.72 10.94
CA SER A 37 -6.95 9.78 12.40
C SER A 37 -6.21 8.55 12.91
N PRO A 38 -5.88 8.52 14.20
CA PRO A 38 -5.25 7.31 14.78
C PRO A 38 -6.17 6.10 14.76
N ASN A 39 -7.47 6.29 14.55
CA ASN A 39 -8.41 5.20 14.42
C ASN A 39 -8.66 4.80 12.97
N GLY A 40 -7.91 5.38 12.03
CA GLY A 40 -8.15 5.16 10.63
C GLY A 40 -8.83 6.35 9.99
N PRO A 41 -9.27 6.19 8.73
CA PRO A 41 -9.97 7.29 8.07
C PRO A 41 -11.19 7.74 8.85
N VAL A 42 -11.45 9.05 8.81
CA VAL A 42 -12.61 9.60 9.50
C VAL A 42 -13.91 9.12 8.87
N SER A 43 -13.89 8.83 7.57
CA SER A 43 -15.12 8.54 6.84
C SER A 43 -14.74 8.13 5.43
N GLU A 44 -15.69 7.47 4.75
CA GLU A 44 -15.47 7.11 3.35
C GLU A 44 -15.45 8.35 2.48
N GLU A 45 -16.31 9.33 2.77
CA GLU A 45 -16.24 10.61 2.08
C GLU A 45 -14.86 11.25 2.29
N ALA A 46 -14.42 11.30 3.54
CA ALA A 46 -13.10 11.86 3.85
C ALA A 46 -12.00 11.11 3.09
N LEU A 47 -12.04 9.78 3.14
CA LEU A 47 -11.05 8.99 2.41
C LEU A 47 -11.14 9.24 0.91
N ASP A 48 -12.36 9.41 0.39
CA ASP A 48 -12.54 9.75 -1.02
C ASP A 48 -11.87 11.07 -1.35
N LYS A 49 -11.81 12.01 -0.40
CA LYS A 49 -11.14 13.28 -0.65
C LYS A 49 -9.65 13.09 -0.84
N VAL A 50 -9.03 12.26 0.00
CA VAL A 50 -7.62 11.92 -0.20
C VAL A 50 -7.44 11.22 -1.54
N ARG A 51 -8.31 10.25 -1.83
CA ARG A 51 -8.22 9.49 -3.07
C ARG A 51 -8.30 10.40 -4.29
N ASN A 52 -9.16 11.42 -4.24
CA ASN A 52 -9.32 12.32 -5.39
C ASN A 52 -8.05 13.10 -5.68
N VAL A 53 -7.32 13.51 -4.64
CA VAL A 53 -6.05 14.19 -4.85
C VAL A 53 -4.99 13.22 -5.34
N LEU A 54 -4.91 12.04 -4.73
CA LEU A 54 -3.84 11.11 -5.05
C LEU A 54 -3.91 10.64 -6.50
N GLU A 55 -5.12 10.49 -7.06
CA GLU A 55 -5.25 9.98 -8.43
C GLU A 55 -4.45 10.82 -9.42
N LYS A 56 -4.33 12.12 -9.16
CA LYS A 56 -3.67 13.05 -10.08
C LYS A 56 -2.16 13.03 -9.96
N ILE A 57 -1.57 12.11 -9.18
CA ILE A 57 -0.15 12.19 -8.91
C ILE A 57 0.65 12.00 -10.19
N LYS A 58 1.73 12.77 -10.32
CA LYS A 58 2.72 12.63 -11.38
C LYS A 58 4.09 12.40 -10.76
N PRO A 59 5.00 11.71 -11.46
CA PRO A 59 6.34 11.48 -10.89
C PRO A 59 7.04 12.75 -10.43
N SER A 60 6.89 13.85 -11.16
CA SER A 60 7.54 15.09 -10.76
C SER A 60 7.01 15.62 -9.43
N ASP A 61 5.79 15.25 -9.05
CA ASP A 61 5.23 15.75 -7.79
C ASP A 61 6.02 15.25 -6.58
N VAL A 62 6.74 14.14 -6.72
CA VAL A 62 7.44 13.53 -5.60
C VAL A 62 8.91 13.32 -5.96
N GLY A 63 9.38 14.04 -6.98
CA GLY A 63 10.79 14.02 -7.32
C GLY A 63 11.28 12.76 -7.99
N LEU A 64 10.40 12.04 -8.68
CA LEU A 64 10.76 10.76 -9.30
C LEU A 64 10.68 10.80 -10.82
N GLU A 65 10.71 12.00 -11.42
CA GLU A 65 10.55 12.09 -12.86
C GLU A 65 11.68 11.40 -13.61
N GLN A 66 12.88 11.37 -13.03
CA GLN A 66 14.01 10.71 -13.69
C GLN A 66 13.85 9.20 -13.69
N GLU A 67 13.47 8.62 -12.54
CA GLU A 67 13.27 7.18 -12.48
C GLU A 67 12.14 6.73 -13.38
N ALA A 68 11.11 7.58 -13.57
CA ALA A 68 9.99 7.20 -14.41
C ALA A 68 10.41 6.97 -15.85
N GLN A 69 11.48 7.63 -16.30
CA GLN A 69 11.97 7.45 -17.66
C GLN A 69 12.66 6.11 -17.84
N LEU A 70 13.03 5.44 -16.75
CA LEU A 70 13.58 4.10 -16.84
C LEU A 70 12.56 3.09 -17.33
N VAL A 71 11.26 3.42 -17.23
CA VAL A 71 10.23 2.51 -17.72
C VAL A 71 10.32 2.36 -19.23
N ARG A 72 10.51 3.47 -19.95
CA ARG A 72 10.64 3.42 -21.39
C ARG A 72 11.90 2.69 -21.82
N ASN A 73 12.98 2.81 -21.05
CA ASN A 73 14.24 2.13 -21.36
C ASN A 73 14.26 0.75 -20.69
N TRP A 74 13.29 -0.08 -21.08
CA TRP A 74 13.12 -1.41 -20.50
C TRP A 74 13.61 -2.50 -21.45
N LEU A 88 17.79 -10.83 -4.58
CA LEU A 88 16.99 -10.11 -5.57
C LEU A 88 17.35 -8.63 -5.61
N PRO A 89 16.95 -7.94 -6.67
CA PRO A 89 17.26 -6.51 -6.79
C PRO A 89 16.75 -5.73 -5.58
N ALA A 90 17.49 -4.68 -5.24
CA ALA A 90 17.21 -3.90 -4.04
C ALA A 90 16.07 -2.92 -4.28
N ILE A 91 15.23 -2.78 -3.26
CA ILE A 91 14.10 -1.86 -3.27
C ILE A 91 14.45 -0.67 -2.40
N LYS A 92 14.09 0.53 -2.87
CA LYS A 92 14.27 1.76 -2.11
C LYS A 92 12.95 2.17 -1.48
N TYR A 93 12.98 2.58 -0.22
CA TYR A 93 11.80 3.05 0.47
C TYR A 93 12.01 4.50 0.92
N LEU A 94 11.11 5.38 0.50
CA LEU A 94 11.15 6.80 0.83
C LEU A 94 10.00 7.10 1.78
N GLN A 95 10.32 7.58 2.98
CA GLN A 95 9.28 7.95 3.94
C GLN A 95 9.07 9.45 3.86
N LEU A 96 7.85 9.85 3.51
CA LEU A 96 7.50 11.27 3.43
C LEU A 96 6.89 11.79 4.72
N HIS A 97 6.22 10.94 5.50
CA HIS A 97 5.64 11.39 6.75
C HIS A 97 5.26 10.19 7.59
N GLU A 98 5.42 10.32 8.92
CA GLU A 98 4.92 9.34 9.86
C GLU A 98 4.50 10.07 11.13
N CYS A 99 3.21 10.00 11.44
CA CYS A 99 2.68 10.49 12.71
C CYS A 99 1.68 9.45 13.21
N ASP A 100 1.10 9.72 14.38
CA ASP A 100 0.15 8.77 14.98
C ASP A 100 -1.09 8.58 14.11
N SER A 101 -1.37 9.52 13.21
CA SER A 101 -2.59 9.47 12.43
C SER A 101 -2.41 8.73 11.11
N PHE A 102 -1.29 8.93 10.43
CA PHE A 102 -1.07 8.28 9.14
C PHE A 102 0.41 8.34 8.78
N SER A 103 0.77 7.59 7.73
CA SER A 103 2.10 7.64 7.16
C SER A 103 2.00 7.69 5.65
N ILE A 104 3.03 8.26 5.02
CA ILE A 104 3.14 8.34 3.57
C ILE A 104 4.51 7.80 3.17
N GLY A 105 4.54 6.89 2.22
CA GLY A 105 5.78 6.29 1.79
C GLY A 105 5.71 5.85 0.34
N ILE A 106 6.88 5.63 -0.24
CA ILE A 106 7.01 5.24 -1.63
C ILE A 106 8.02 4.10 -1.72
N PHE A 107 7.62 3.02 -2.41
CA PHE A 107 8.53 1.93 -2.73
C PHE A 107 8.94 2.06 -4.18
N CYS A 108 10.23 2.29 -4.42
CA CYS A 108 10.80 2.29 -5.76
C CYS A 108 11.39 0.90 -6.02
N MET A 109 10.79 0.16 -6.94
CA MET A 109 11.11 -1.24 -7.19
C MET A 109 11.74 -1.40 -8.56
N PRO A 110 12.94 -1.96 -8.68
CA PRO A 110 13.47 -2.26 -10.01
C PRO A 110 12.86 -3.54 -10.56
N PRO A 111 13.01 -3.80 -11.86
CA PRO A 111 12.35 -4.98 -12.44
C PRO A 111 12.73 -6.26 -11.72
N GLY A 112 11.72 -7.06 -11.38
CA GLY A 112 11.95 -8.35 -10.78
C GLY A 112 11.99 -8.37 -9.27
N SER A 113 12.04 -7.21 -8.62
CA SER A 113 12.05 -7.17 -7.17
C SER A 113 10.67 -7.50 -6.63
N ILE A 114 10.62 -7.87 -5.36
CA ILE A 114 9.42 -8.41 -4.73
C ILE A 114 9.25 -7.80 -3.36
N ILE A 115 8.03 -7.38 -3.05
CA ILE A 115 7.60 -7.14 -1.66
C ILE A 115 6.84 -8.37 -1.20
N PRO A 116 7.41 -9.20 -0.34
CA PRO A 116 6.75 -10.48 -0.03
C PRO A 116 5.45 -10.30 0.74
N LEU A 117 4.64 -11.36 0.69
CA LEU A 117 3.29 -11.34 1.26
C LEU A 117 3.30 -10.87 2.71
N HIS A 118 2.45 -9.88 3.00
CA HIS A 118 2.37 -9.28 4.33
C HIS A 118 0.99 -8.68 4.51
N ASN A 119 0.65 -8.36 5.76
CA ASN A 119 -0.68 -7.80 6.05
C ASN A 119 -0.55 -6.43 6.72
N HIS A 120 -1.70 -5.85 7.04
CA HIS A 120 -1.79 -4.49 7.57
C HIS A 120 -2.82 -4.49 8.68
N PRO A 121 -2.46 -5.02 9.85
CA PRO A 121 -3.48 -5.31 10.88
C PRO A 121 -4.21 -4.05 11.35
N GLY A 122 -5.54 -4.08 11.24
CA GLY A 122 -6.35 -2.97 11.68
C GLY A 122 -6.17 -1.70 10.89
N MET A 123 -5.65 -1.79 9.67
CA MET A 123 -5.24 -0.62 8.92
C MET A 123 -5.97 -0.50 7.59
N THR A 124 -6.15 0.74 7.17
CA THR A 124 -6.61 1.10 5.83
C THR A 124 -5.44 1.66 5.06
N VAL A 125 -5.29 1.23 3.81
CA VAL A 125 -4.14 1.64 2.99
C VAL A 125 -4.65 2.06 1.63
N LEU A 126 -4.39 3.30 1.26
CA LEU A 126 -4.68 3.85 -0.06
C LEU A 126 -3.38 3.86 -0.84
N SER A 127 -3.40 3.25 -2.03
CA SER A 127 -2.17 3.04 -2.78
C SER A 127 -2.37 3.42 -4.24
N LYS A 128 -1.28 3.89 -4.85
CA LYS A 128 -1.30 4.42 -6.20
C LYS A 128 0.03 4.09 -6.86
N LEU A 129 -0.05 3.48 -8.04
CA LEU A 129 1.12 3.20 -8.86
C LEU A 129 1.54 4.50 -9.56
N VAL A 130 2.73 5.00 -9.24
CA VAL A 130 3.11 6.32 -9.77
C VAL A 130 3.64 6.21 -11.19
N TYR A 131 4.32 5.11 -11.51
CA TYR A 131 4.75 4.81 -12.87
C TYR A 131 5.12 3.34 -12.92
N GLY A 132 5.17 2.80 -14.13
CA GLY A 132 5.62 1.45 -14.33
C GLY A 132 4.51 0.43 -14.23
N SER A 133 4.92 -0.84 -14.21
CA SER A 133 4.02 -1.98 -14.18
C SER A 133 4.49 -2.96 -13.13
N MET A 134 3.53 -3.61 -12.46
N MET A 134 3.53 -3.61 -12.46
CA MET A 134 3.82 -4.57 -11.41
CA MET A 134 3.84 -4.59 -11.43
C MET A 134 2.68 -5.56 -11.32
C MET A 134 2.67 -5.54 -11.28
N HIS A 135 2.91 -6.65 -10.59
CA HIS A 135 1.90 -7.66 -10.33
C HIS A 135 1.54 -7.65 -8.86
N VAL A 136 0.24 -7.62 -8.56
CA VAL A 136 -0.25 -7.66 -7.19
C VAL A 136 -1.03 -8.95 -6.99
N LYS A 137 -0.78 -9.62 -5.88
CA LYS A 137 -1.60 -10.75 -5.42
C LYS A 137 -2.02 -10.43 -4.00
N SER A 138 -3.30 -10.60 -3.70
CA SER A 138 -3.83 -10.20 -2.41
C SER A 138 -4.89 -11.18 -1.94
N TYR A 139 -5.03 -11.27 -0.61
CA TYR A 139 -5.98 -12.18 0.03
C TYR A 139 -6.65 -11.47 1.20
N ASP A 140 -7.74 -12.07 1.67
CA ASP A 140 -8.31 -11.74 2.98
C ASP A 140 -8.60 -13.04 3.70
N TRP A 141 -8.58 -13.00 5.03
CA TRP A 141 -8.92 -14.19 5.80
C TRP A 141 -10.35 -14.61 5.49
N ALA A 142 -10.57 -15.93 5.43
CA ALA A 142 -11.91 -16.44 5.20
C ALA A 142 -12.80 -16.20 6.42
N GLU A 143 -12.22 -16.17 7.61
CA GLU A 143 -12.95 -15.98 8.87
C GLU A 143 -12.28 -14.85 9.64
N PRO A 144 -12.63 -13.60 9.33
CA PRO A 144 -11.97 -12.48 10.02
C PRO A 144 -12.21 -12.47 11.52
N ASP A 145 -13.33 -13.02 12.00
CA ASP A 145 -13.63 -12.98 13.43
C ASP A 145 -12.72 -13.90 14.25
N GLN A 146 -12.06 -14.86 13.60
CA GLN A 146 -11.19 -15.80 14.30
C GLN A 146 -9.75 -15.29 14.44
N SER A 147 -9.49 -14.03 14.09
CA SER A 147 -8.13 -13.51 14.15
C SER A 147 -7.62 -13.45 15.58
N GLU A 148 -8.46 -13.02 16.52
CA GLU A 148 -8.03 -12.87 17.90
C GLU A 148 -8.09 -14.18 18.69
N LEU A 149 -8.63 -15.25 18.10
CA LEU A 149 -8.87 -16.48 18.84
C LEU A 149 -8.02 -17.65 18.37
N ASP A 150 -7.31 -17.52 17.24
CA ASP A 150 -6.51 -18.61 16.69
C ASP A 150 -5.03 -18.26 16.78
N ASP A 151 -4.20 -19.31 16.70
CA ASP A 151 -2.76 -19.15 16.71
C ASP A 151 -2.29 -18.69 15.34
N PRO A 152 -1.62 -17.53 15.23
CA PRO A 152 -1.16 -17.08 13.91
C PRO A 152 -0.07 -17.96 13.31
N LEU A 153 0.59 -18.80 14.11
CA LEU A 153 1.67 -19.64 13.61
C LEU A 153 1.18 -20.91 12.93
N GLN A 154 -0.11 -21.22 13.05
CA GLN A 154 -0.72 -22.37 12.37
C GLN A 154 -1.41 -21.93 11.09
N ALA A 155 -1.53 -22.85 10.16
CA ALA A 155 -2.14 -22.55 8.86
C ALA A 155 -3.57 -22.06 9.04
N ARG A 156 -3.93 -21.03 8.27
CA ARG A 156 -5.23 -20.39 8.38
C ARG A 156 -5.77 -20.09 6.99
N PRO A 157 -7.08 -20.30 6.76
CA PRO A 157 -7.61 -20.16 5.42
C PRO A 157 -7.80 -18.71 5.00
N ALA A 158 -7.41 -18.42 3.76
CA ALA A 158 -7.56 -17.09 3.17
C ALA A 158 -8.14 -17.23 1.77
N LYS A 159 -8.90 -16.21 1.36
CA LYS A 159 -9.51 -16.21 0.05
C LYS A 159 -8.79 -15.22 -0.86
N LEU A 160 -8.66 -15.59 -2.12
CA LEU A 160 -7.98 -14.74 -3.09
C LEU A 160 -8.86 -13.56 -3.45
N VAL A 161 -8.28 -12.36 -3.46
CA VAL A 161 -9.00 -11.13 -3.76
C VAL A 161 -8.57 -10.56 -5.10
N LYS A 162 -7.27 -10.50 -5.35
CA LYS A 162 -6.74 -9.91 -6.57
C LYS A 162 -5.50 -10.68 -6.99
N ASP A 163 -5.31 -10.82 -8.31
CA ASP A 163 -4.16 -11.53 -8.85
C ASP A 163 -3.94 -11.05 -10.28
N ILE A 164 -3.30 -9.90 -10.47
CA ILE A 164 -3.35 -9.24 -11.77
C ILE A 164 -2.17 -8.28 -11.90
N ASP A 165 -1.72 -8.08 -13.14
CA ASP A 165 -0.78 -7.01 -13.41
C ASP A 165 -1.50 -5.66 -13.38
N MET A 166 -0.78 -4.64 -12.93
CA MET A 166 -1.25 -3.27 -12.98
C MET A 166 -0.20 -2.43 -13.73
N THR A 167 -0.69 -1.52 -14.56
CA THR A 167 0.17 -0.70 -15.40
C THR A 167 -0.29 0.75 -15.32
N SER A 168 0.64 1.64 -15.01
CA SER A 168 0.31 3.05 -14.91
C SER A 168 -0.09 3.60 -16.27
N PRO A 169 -1.12 4.44 -16.34
CA PRO A 169 -1.97 4.88 -15.23
C PRO A 169 -2.99 3.83 -14.84
N SER A 170 -3.09 3.53 -13.54
CA SER A 170 -4.09 2.62 -13.02
C SER A 170 -4.72 3.24 -11.78
N PRO A 171 -6.04 3.09 -11.61
CA PRO A 171 -6.70 3.75 -10.48
C PRO A 171 -6.08 3.39 -9.15
N ALA A 172 -6.13 4.34 -8.22
CA ALA A 172 -5.71 4.07 -6.85
C ALA A 172 -6.54 2.96 -6.25
N THR A 173 -5.90 2.14 -5.44
CA THR A 173 -6.54 1.01 -4.78
C THR A 173 -6.66 1.27 -3.28
N THR A 174 -7.62 0.58 -2.67
CA THR A 174 -7.87 0.73 -1.24
C THR A 174 -8.03 -0.65 -0.61
N LEU A 175 -7.30 -0.91 0.48
CA LEU A 175 -7.53 -2.08 1.31
C LEU A 175 -7.96 -1.62 2.69
N TYR A 176 -8.81 -2.41 3.33
CA TYR A 176 -9.34 -2.12 4.66
C TYR A 176 -8.83 -3.17 5.64
N PRO A 177 -9.18 -3.10 6.92
CA PRO A 177 -8.64 -4.10 7.87
C PRO A 177 -9.03 -5.52 7.55
N THR A 178 -10.20 -5.76 6.93
CA THR A 178 -10.62 -7.12 6.62
C THR A 178 -11.17 -7.30 5.21
N THR A 179 -11.12 -6.28 4.36
CA THR A 179 -11.57 -6.41 2.98
C THR A 179 -10.62 -5.67 2.05
N GLY A 180 -10.82 -5.85 0.76
CA GLY A 180 -9.97 -5.20 -0.22
C GLY A 180 -8.57 -5.75 -0.33
N GLY A 181 -8.29 -6.91 0.28
CA GLY A 181 -7.00 -7.55 0.17
C GLY A 181 -6.00 -7.04 1.20
N ASN A 182 -6.28 -7.29 2.47
CA ASN A 182 -5.40 -6.80 3.53
C ASN A 182 -4.05 -7.51 3.53
N ILE A 183 -3.97 -8.70 2.95
CA ILE A 183 -2.73 -9.45 2.83
C ILE A 183 -2.31 -9.39 1.37
N HIS A 184 -1.13 -8.82 1.10
CA HIS A 184 -0.75 -8.66 -0.29
C HIS A 184 0.76 -8.71 -0.50
N CYS A 185 1.13 -8.90 -1.77
CA CYS A 185 2.51 -8.94 -2.21
C CYS A 185 2.59 -8.26 -3.58
N PHE A 186 3.78 -7.80 -3.92
CA PHE A 186 4.01 -7.08 -5.17
C PHE A 186 5.26 -7.62 -5.85
N LYS A 187 5.22 -7.69 -7.18
CA LYS A 187 6.40 -8.02 -7.98
C LYS A 187 6.49 -7.02 -9.14
N ALA A 188 7.63 -6.34 -9.22
CA ALA A 188 7.82 -5.32 -10.26
C ALA A 188 8.08 -5.97 -11.61
N ILE A 189 7.39 -5.48 -12.64
CA ILE A 189 7.61 -5.94 -14.00
C ILE A 189 8.62 -5.00 -14.65
N THR A 190 8.28 -3.71 -14.71
CA THR A 190 9.23 -2.67 -15.04
C THR A 190 9.69 -1.99 -13.75
N HIS A 191 10.58 -1.01 -13.89
CA HIS A 191 10.79 -0.05 -12.81
C HIS A 191 9.45 0.56 -12.44
N CYS A 192 9.12 0.57 -11.16
CA CYS A 192 7.85 1.14 -10.73
C CYS A 192 8.02 1.77 -9.35
N ALA A 193 7.07 2.62 -9.00
CA ALA A 193 7.01 3.22 -7.67
C ALA A 193 5.59 3.08 -7.16
N ILE A 194 5.45 2.59 -5.93
CA ILE A 194 4.16 2.41 -5.29
C ILE A 194 4.06 3.46 -4.20
N PHE A 195 3.03 4.31 -4.27
CA PHE A 195 2.79 5.37 -3.31
C PHE A 195 1.73 4.90 -2.33
N ASP A 196 2.08 4.85 -1.05
CA ASP A 196 1.21 4.28 -0.03
C ASP A 196 0.85 5.31 1.03
N ILE A 197 -0.42 5.33 1.41
CA ILE A 197 -0.93 6.13 2.52
C ILE A 197 -1.61 5.19 3.50
N LEU A 198 -1.11 5.15 4.74
CA LEU A 198 -1.55 4.20 5.74
C LEU A 198 -2.19 4.93 6.91
N SER A 199 -3.40 4.53 7.27
CA SER A 199 -4.06 5.08 8.45
C SER A 199 -4.90 4.01 9.14
N PRO A 200 -4.62 3.69 10.41
CA PRO A 200 -3.47 4.18 11.20
C PRO A 200 -2.16 3.62 10.68
N PRO A 201 -1.03 4.14 11.15
CA PRO A 201 0.26 3.63 10.69
C PRO A 201 0.63 2.33 11.38
N TYR A 202 1.59 1.63 10.79
CA TYR A 202 2.19 0.48 11.47
C TYR A 202 2.69 0.92 12.83
N SER A 203 2.55 0.04 13.83
CA SER A 203 3.04 0.31 15.18
C SER A 203 3.15 -1.01 15.92
N SER A 204 4.37 -1.54 16.02
CA SER A 204 4.61 -2.75 16.81
C SER A 204 4.12 -2.59 18.24
N THR A 205 3.95 -1.35 18.71
CA THR A 205 3.48 -1.12 20.07
C THR A 205 1.97 -1.31 20.18
N HIS A 206 1.21 -0.90 19.16
CA HIS A 206 -0.24 -1.01 19.16
C HIS A 206 -0.73 -2.33 18.59
N GLY A 207 0.13 -3.33 18.47
CA GLY A 207 -0.28 -4.60 17.90
C GLY A 207 -0.51 -4.56 16.41
N ARG A 208 0.08 -3.59 15.72
CA ARG A 208 -0.06 -3.45 14.26
C ARG A 208 1.32 -3.62 13.63
N HIS A 209 1.75 -4.86 13.50
CA HIS A 209 3.04 -5.20 12.93
C HIS A 209 2.88 -5.57 11.47
N CYS A 210 3.94 -5.35 10.70
CA CYS A 210 3.99 -5.80 9.30
C CYS A 210 4.40 -7.27 9.33
N ASN A 211 3.41 -8.16 9.42
CA ASN A 211 3.65 -9.59 9.46
C ASN A 211 3.70 -10.16 8.06
N TYR A 212 4.63 -11.07 7.81
CA TYR A 212 4.78 -11.75 6.53
C TYR A 212 4.19 -13.15 6.62
N PHE A 213 3.81 -13.67 5.46
CA PHE A 213 3.11 -14.95 5.40
C PHE A 213 3.62 -15.78 4.23
N ARG A 214 3.57 -17.11 4.42
CA ARG A 214 3.91 -18.08 3.41
C ARG A 214 2.73 -19.02 3.22
N LYS A 215 2.65 -19.63 2.04
CA LYS A 215 1.71 -20.73 1.83
C LYS A 215 2.10 -21.88 2.75
N SER A 216 1.11 -22.43 3.44
CA SER A 216 1.38 -23.56 4.32
C SER A 216 1.88 -24.74 3.50
N PRO A 217 2.99 -25.39 3.90
CA PRO A 217 3.41 -26.62 3.24
C PRO A 217 2.67 -27.85 3.71
N MET A 218 1.67 -27.72 4.59
CA MET A 218 0.90 -28.86 5.05
C MET A 218 0.11 -29.46 3.88
N LEU A 219 -0.03 -30.79 3.90
CA LEU A 219 -0.47 -31.51 2.72
C LEU A 219 -1.99 -31.52 2.57
N ASP A 220 -2.71 -31.95 3.61
CA ASP A 220 -4.11 -32.32 3.48
C ASP A 220 -5.07 -31.19 3.80
N LEU A 221 -4.72 -29.96 3.49
CA LEU A 221 -5.63 -28.85 3.76
C LEU A 221 -6.65 -28.72 2.64
N PRO A 222 -7.92 -28.51 2.96
CA PRO A 222 -8.96 -28.52 1.92
C PRO A 222 -8.97 -27.26 1.06
N GLY A 223 -9.40 -27.45 -0.18
CA GLY A 223 -9.52 -26.34 -1.12
C GLY A 223 -10.77 -25.51 -0.94
N GLU A 224 -11.82 -26.07 -0.33
CA GLU A 224 -13.03 -25.32 -0.03
C GLU A 224 -13.47 -25.61 1.40
N ILE A 225 -14.14 -24.63 2.00
CA ILE A 225 -14.73 -24.79 3.32
C ILE A 225 -16.10 -24.11 3.35
N GLU A 226 -16.92 -24.50 4.32
CA GLU A 226 -18.13 -23.79 4.66
C GLU A 226 -17.87 -23.01 5.94
N VAL A 227 -18.07 -21.70 5.90
CA VAL A 227 -17.80 -20.83 7.05
C VAL A 227 -19.11 -20.40 7.68
N MET A 228 -19.02 -19.60 8.75
CA MET A 228 -20.18 -19.15 9.49
C MET A 228 -21.25 -18.58 8.57
N ASN A 229 -22.37 -19.30 8.44
CA ASN A 229 -23.54 -18.93 7.65
C ASN A 229 -23.92 -20.07 6.71
N GLY A 230 -22.92 -20.71 6.12
CA GLY A 230 -23.11 -21.63 5.03
C GLY A 230 -22.46 -21.18 3.73
N GLU A 231 -21.88 -19.98 3.69
CA GLU A 231 -21.15 -19.54 2.52
C GLU A 231 -20.00 -20.48 2.24
N VAL A 232 -19.92 -20.97 1.01
CA VAL A 232 -18.84 -21.86 0.59
C VAL A 232 -17.73 -21.00 0.01
N ILE A 233 -16.55 -21.09 0.59
CA ILE A 233 -15.38 -20.38 0.12
C ILE A 233 -14.53 -21.36 -0.66
N SER A 234 -14.38 -21.12 -1.96
CA SER A 234 -13.62 -21.98 -2.85
C SER A 234 -12.23 -21.40 -3.08
N ASN A 235 -11.36 -22.23 -3.64
CA ASN A 235 -9.97 -21.86 -3.92
C ASN A 235 -9.33 -21.21 -2.70
N VAL A 236 -9.44 -21.88 -1.56
CA VAL A 236 -8.81 -21.42 -0.33
C VAL A 236 -7.31 -21.52 -0.49
N THR A 237 -6.60 -20.53 0.06
CA THR A 237 -5.15 -20.59 0.23
C THR A 237 -4.84 -20.54 1.71
N TRP A 238 -3.94 -21.41 2.15
CA TRP A 238 -3.62 -21.58 3.57
C TRP A 238 -2.30 -20.89 3.86
N LEU A 239 -2.32 -19.94 4.80
CA LEU A 239 -1.19 -19.06 5.03
C LEU A 239 -0.69 -19.21 6.45
N GLU A 240 0.64 -19.32 6.58
CA GLU A 240 1.32 -19.34 7.87
C GLU A 240 2.11 -18.06 8.02
N GLU A 241 2.03 -17.43 9.19
CA GLU A 241 2.95 -16.35 9.51
C GLU A 241 4.38 -16.89 9.49
N TYR A 242 5.31 -16.05 9.04
N TYR A 242 5.30 -16.07 9.01
CA TYR A 242 6.68 -16.47 8.82
CA TYR A 242 6.70 -16.48 8.98
C TYR A 242 7.59 -15.25 8.77
C TYR A 242 7.58 -15.26 8.82
N GLN A 243 8.89 -15.49 8.92
CA GLN A 243 9.85 -14.41 8.75
C GLN A 243 9.95 -14.06 7.25
N PRO A 244 10.22 -12.80 6.93
CA PRO A 244 10.35 -12.44 5.52
C PRO A 244 11.51 -13.19 4.88
N PRO A 245 11.42 -13.47 3.58
CA PRO A 245 12.52 -14.16 2.91
C PRO A 245 13.81 -13.35 2.98
N ASP A 246 14.93 -14.06 2.86
CA ASP A 246 16.23 -13.41 3.00
C ASP A 246 16.63 -12.62 1.76
N ASN A 247 16.10 -12.95 0.59
CA ASN A 247 16.39 -12.21 -0.63
C ASN A 247 15.58 -10.92 -0.75
N PHE A 248 14.84 -10.54 0.29
CA PHE A 248 14.06 -9.30 0.29
C PHE A 248 14.96 -8.20 0.86
N VAL A 249 15.62 -7.48 -0.03
CA VAL A 249 16.54 -6.41 0.33
C VAL A 249 15.83 -5.07 0.08
N ILE A 250 15.76 -4.25 1.12
CA ILE A 250 15.06 -2.97 1.06
C ILE A 250 15.83 -1.93 1.88
N TRP A 251 16.12 -0.79 1.26
CA TRP A 251 16.95 0.24 1.86
C TRP A 251 16.15 1.52 2.05
N ARG A 252 16.28 2.13 3.23
CA ARG A 252 15.66 3.41 3.49
C ARG A 252 16.46 4.52 2.79
N VAL A 253 15.74 5.39 2.09
CA VAL A 253 16.36 6.39 1.21
C VAL A 253 15.68 7.73 1.48
N PRO A 254 16.41 8.84 1.48
CA PRO A 254 15.78 10.13 1.76
C PRO A 254 14.86 10.59 0.64
N TYR A 255 13.72 11.17 1.03
CA TYR A 255 12.84 11.82 0.07
C TYR A 255 13.49 13.10 -0.43
N ARG A 256 13.53 13.27 -1.75
CA ARG A 256 14.18 14.41 -2.38
C ARG A 256 13.24 15.18 -3.29
N GLY A 257 11.95 15.18 -2.98
CA GLY A 257 10.97 15.89 -3.78
C GLY A 257 10.57 17.20 -3.16
N PRO A 258 9.56 17.85 -3.72
CA PRO A 258 9.07 19.12 -3.14
C PRO A 258 8.79 18.94 -1.65
N VAL A 259 9.17 19.95 -0.86
CA VAL A 259 9.09 19.86 0.59
C VAL A 259 7.64 19.93 1.04
N ILE A 260 7.36 19.29 2.18
CA ILE A 260 6.04 19.30 2.80
C ILE A 260 6.09 20.21 4.01
N ARG A 261 5.20 21.20 4.04
CA ARG A 261 5.11 22.13 5.17
C ARG A 261 4.19 21.50 6.22
N LYS A 262 4.79 21.01 7.31
CA LYS A 262 4.03 20.29 8.34
C LYS A 262 3.87 21.13 9.60
C1 GOL B . 2.97 -11.55 -14.85
O1 GOL B . 3.57 -10.30 -14.74
C2 GOL B . 2.41 -11.66 -16.28
O2 GOL B . 3.06 -12.65 -17.02
C3 GOL B . 0.89 -11.95 -16.09
O3 GOL B . 0.07 -12.53 -15.12
NI NI C . 1.60 -3.44 2.10
#